data_1EJ3
#
_entry.id   1EJ3
#
_cell.length_a   81.270
_cell.length_b   81.270
_cell.length_c   163.660
_cell.angle_alpha   90.00
_cell.angle_beta   90.00
_cell.angle_gamma   90.00
#
_symmetry.space_group_name_H-M   'P 43 21 2'
#
loop_
_entity.id
_entity.type
_entity.pdbx_description
1 polymer AEQUORIN
2 non-polymer C2-HYDROPEROXY-COELENTERAZINE
3 water water
#
_entity_poly.entity_id   1
_entity_poly.type   'polypeptide(L)'
_entity_poly.pdbx_seq_one_letter_code
;ANSKLTSDFDNPRWIGRHKHMFNFLDVNHNGKISLDEMVYKASDIVINNLGATPEQAKRHKDAVEAFFGGAGMKYGVETD
WPAYIEGWKKLATDELEKYAKNEPTLIRIWGDALFDIVDKDQNGAITLDEWKAYTKAAGIIQSSEDCEETFRVCDIDESG
QLDVDEMTRQHLGFWYTMDPACEKLYGGAVP
;
_entity_poly.pdbx_strand_id   A,B
#
# COMPACT_ATOMS: atom_id res chain seq x y z
N LEU A 5 3.36 -22.22 14.17
CA LEU A 5 4.17 -22.58 15.38
C LEU A 5 5.18 -21.48 15.77
N THR A 6 5.73 -20.82 14.76
CA THR A 6 6.74 -19.81 15.02
C THR A 6 6.55 -18.51 14.23
N SER A 7 7.23 -17.46 14.67
CA SER A 7 7.16 -16.18 13.97
C SER A 7 7.78 -16.34 12.58
N ASP A 8 7.43 -15.45 11.65
CA ASP A 8 7.94 -15.50 10.28
C ASP A 8 7.94 -14.06 9.76
N PHE A 9 8.49 -13.17 10.56
CA PHE A 9 8.54 -11.74 10.28
C PHE A 9 9.19 -11.26 8.98
N ASP A 10 10.10 -12.04 8.43
CA ASP A 10 10.73 -11.63 7.19
C ASP A 10 10.08 -12.28 5.97
N ASN A 11 8.90 -12.87 6.18
CA ASN A 11 8.18 -13.48 5.07
C ASN A 11 7.44 -12.30 4.45
N PRO A 12 7.80 -11.93 3.21
CA PRO A 12 7.16 -10.80 2.53
C PRO A 12 5.64 -10.90 2.56
N ARG A 13 5.12 -12.12 2.60
CA ARG A 13 3.67 -12.29 2.65
C ARG A 13 3.09 -11.95 4.02
N TRP A 14 3.93 -12.03 5.06
CA TRP A 14 3.47 -11.68 6.41
C TRP A 14 3.36 -10.16 6.43
N ILE A 15 4.36 -9.50 5.85
CA ILE A 15 4.36 -8.05 5.78
C ILE A 15 3.19 -7.58 4.90
N GLY A 16 2.96 -8.30 3.82
CA GLY A 16 1.89 -7.95 2.89
C GLY A 16 0.51 -8.06 3.47
N ARG A 17 0.30 -9.07 4.32
CA ARG A 17 -0.99 -9.28 4.95
C ARG A 17 -1.29 -8.08 5.86
N HIS A 18 -0.31 -7.66 6.63
CA HIS A 18 -0.48 -6.53 7.53
C HIS A 18 -0.44 -5.17 6.83
N LYS A 19 0.19 -5.12 5.65
CA LYS A 19 0.24 -3.88 4.88
C LYS A 19 -1.17 -3.66 4.37
N HIS A 20 -1.80 -4.76 3.95
CA HIS A 20 -3.16 -4.70 3.44
C HIS A 20 -4.09 -4.19 4.54
N MET A 21 -3.95 -4.76 5.73
CA MET A 21 -4.77 -4.37 6.86
C MET A 21 -4.52 -2.92 7.25
N PHE A 22 -3.25 -2.51 7.23
CA PHE A 22 -2.91 -1.14 7.57
C PHE A 22 -3.63 -0.18 6.63
N ASN A 23 -3.62 -0.49 5.34
CA ASN A 23 -4.27 0.34 4.33
C ASN A 23 -5.79 0.29 4.45
N PHE A 24 -6.31 -0.83 4.90
CA PHE A 24 -7.75 -0.99 5.12
C PHE A 24 -8.18 -0.09 6.29
N LEU A 25 -7.32 -0.03 7.31
CA LEU A 25 -7.60 0.77 8.49
C LEU A 25 -7.37 2.27 8.26
N ASP A 26 -6.45 2.63 7.36
CA ASP A 26 -6.17 4.04 7.10
C ASP A 26 -7.15 4.60 6.05
N VAL A 27 -8.43 4.64 6.42
CA VAL A 27 -9.48 5.12 5.53
C VAL A 27 -9.24 6.48 4.91
N ASN A 28 -8.77 7.44 5.69
CA ASN A 28 -8.51 8.79 5.17
C ASN A 28 -7.15 8.93 4.52
N HIS A 29 -6.47 7.79 4.32
CA HIS A 29 -5.16 7.76 3.67
C HIS A 29 -4.18 8.79 4.20
N ASN A 30 -4.10 8.92 5.51
CA ASN A 30 -3.19 9.87 6.12
C ASN A 30 -1.79 9.28 6.20
N GLY A 31 -1.69 7.97 6.03
CA GLY A 31 -0.40 7.30 6.12
C GLY A 31 -0.08 6.98 7.57
N LYS A 32 -1.07 7.16 8.45
CA LYS A 32 -0.91 6.88 9.88
C LYS A 32 -2.27 6.59 10.44
N ILE A 33 -2.29 5.85 11.55
CA ILE A 33 -3.54 5.51 12.24
C ILE A 33 -3.27 5.60 13.74
N SER A 34 -4.28 5.98 14.50
CA SER A 34 -4.14 6.10 15.94
C SER A 34 -5.06 5.11 16.66
N LEU A 35 -4.81 4.92 17.95
CA LEU A 35 -5.61 4.00 18.75
C LEU A 35 -7.02 4.57 18.87
N ASP A 36 -7.13 5.90 18.82
CA ASP A 36 -8.43 6.56 18.91
C ASP A 36 -9.35 6.08 17.79
N GLU A 37 -8.79 6.01 16.58
CA GLU A 37 -9.54 5.58 15.42
C GLU A 37 -9.94 4.10 15.52
N MET A 38 -9.01 3.27 15.94
CA MET A 38 -9.25 1.83 16.07
C MET A 38 -10.38 1.50 17.04
N VAL A 39 -10.34 2.13 18.19
CA VAL A 39 -11.34 1.91 19.23
C VAL A 39 -12.66 2.56 18.83
N TYR A 40 -12.60 3.61 18.01
CA TYR A 40 -13.82 4.26 17.57
C TYR A 40 -14.49 3.29 16.62
N LYS A 41 -13.71 2.78 15.66
CA LYS A 41 -14.22 1.86 14.66
C LYS A 41 -14.81 0.60 15.30
N ALA A 42 -14.14 0.08 16.32
CA ALA A 42 -14.59 -1.11 17.03
C ALA A 42 -15.96 -0.92 17.68
N SER A 43 -16.12 0.18 18.42
CA SER A 43 -17.37 0.46 19.10
C SER A 43 -18.48 0.91 18.14
N ASP A 44 -18.12 1.62 17.08
CA ASP A 44 -19.12 2.07 16.11
C ASP A 44 -19.80 0.83 15.50
N ILE A 45 -18.98 -0.16 15.15
CA ILE A 45 -19.46 -1.40 14.56
C ILE A 45 -20.41 -2.19 15.47
N VAL A 46 -19.97 -2.50 16.67
CA VAL A 46 -20.81 -3.29 17.58
C VAL A 46 -22.06 -2.56 18.05
N ILE A 47 -21.95 -1.28 18.37
CA ILE A 47 -23.10 -0.51 18.82
C ILE A 47 -24.05 -0.14 17.71
N ASN A 48 -23.51 0.45 16.64
CA ASN A 48 -24.34 0.89 15.51
C ASN A 48 -24.75 -0.13 14.48
N ASN A 49 -24.03 -1.25 14.40
CA ASN A 49 -24.37 -2.26 13.41
C ASN A 49 -24.79 -3.61 13.97
N LEU A 50 -24.21 -4.01 15.11
CA LEU A 50 -24.54 -5.31 15.69
C LEU A 50 -25.41 -5.31 16.95
N GLY A 51 -25.91 -4.14 17.33
CA GLY A 51 -26.79 -4.05 18.49
C GLY A 51 -26.30 -4.60 19.81
N ALA A 52 -25.09 -4.21 20.20
CA ALA A 52 -24.50 -4.65 21.45
C ALA A 52 -24.95 -3.70 22.53
N THR A 53 -24.93 -4.15 23.78
CA THR A 53 -25.34 -3.31 24.91
C THR A 53 -24.10 -2.53 25.34
N PRO A 54 -24.29 -1.44 26.09
CA PRO A 54 -23.15 -0.63 26.54
C PRO A 54 -22.10 -1.49 27.25
N GLU A 55 -22.56 -2.47 28.02
CA GLU A 55 -21.65 -3.33 28.75
C GLU A 55 -20.87 -4.21 27.77
N GLN A 56 -21.57 -4.78 26.78
CA GLN A 56 -20.92 -5.61 25.76
C GLN A 56 -19.90 -4.77 24.98
N ALA A 57 -20.31 -3.58 24.58
CA ALA A 57 -19.45 -2.69 23.81
C ALA A 57 -18.19 -2.35 24.60
N LYS A 58 -18.36 -2.14 25.90
CA LYS A 58 -17.28 -1.79 26.81
C LYS A 58 -16.22 -2.90 26.83
N ARG A 59 -16.68 -4.14 27.00
CA ARG A 59 -15.80 -5.30 27.05
C ARG A 59 -15.07 -5.43 25.72
N HIS A 60 -15.81 -5.20 24.63
CA HIS A 60 -15.24 -5.27 23.29
C HIS A 60 -14.21 -4.17 23.06
N LYS A 61 -14.47 -2.99 23.62
CA LYS A 61 -13.55 -1.87 23.46
C LYS A 61 -12.25 -2.17 24.20
N ASP A 62 -12.34 -2.51 25.48
CA ASP A 62 -11.15 -2.82 26.27
C ASP A 62 -10.28 -3.85 25.53
N ALA A 63 -10.91 -4.84 24.91
CA ALA A 63 -10.18 -5.87 24.19
C ALA A 63 -9.46 -5.30 22.96
N VAL A 64 -10.19 -4.52 22.15
CA VAL A 64 -9.61 -3.91 20.96
C VAL A 64 -8.46 -2.97 21.34
N GLU A 65 -8.66 -2.25 22.44
CA GLU A 65 -7.70 -1.29 22.97
C GLU A 65 -6.37 -1.98 23.29
N ALA A 66 -6.46 -3.10 23.99
CA ALA A 66 -5.28 -3.86 24.38
C ALA A 66 -4.63 -4.45 23.14
N PHE A 67 -5.45 -4.94 22.21
CA PHE A 67 -4.94 -5.53 21.00
C PHE A 67 -3.99 -4.58 20.26
N PHE A 68 -4.50 -3.44 19.82
CA PHE A 68 -3.66 -2.48 19.11
C PHE A 68 -2.63 -1.80 20.00
N GLY A 69 -2.85 -1.87 21.31
CA GLY A 69 -1.89 -1.31 22.23
C GLY A 69 -0.68 -2.23 22.19
N GLY A 70 -0.95 -3.52 22.03
CA GLY A 70 0.11 -4.51 21.96
C GLY A 70 1.00 -4.27 20.75
N ALA A 71 0.45 -3.65 19.72
CA ALA A 71 1.22 -3.37 18.53
C ALA A 71 1.90 -2.01 18.67
N GLY A 72 1.80 -1.42 19.85
CA GLY A 72 2.43 -0.13 20.09
C GLY A 72 1.59 1.12 19.85
N MET A 73 0.34 0.95 19.45
CA MET A 73 -0.49 2.12 19.20
C MET A 73 -0.96 2.72 20.51
N LYS A 74 -1.14 4.03 20.52
CA LYS A 74 -1.56 4.74 21.72
C LYS A 74 -2.51 5.88 21.41
N TYR A 75 -3.24 6.33 22.43
CA TYR A 75 -4.18 7.42 22.27
C TYR A 75 -3.40 8.72 22.03
N GLY A 76 -3.95 9.58 21.16
CA GLY A 76 -3.30 10.84 20.86
C GLY A 76 -1.95 10.69 20.18
N VAL A 77 -1.76 9.58 19.47
CA VAL A 77 -0.50 9.35 18.77
C VAL A 77 -0.84 8.73 17.43
N GLU A 78 -0.13 9.14 16.40
CA GLU A 78 -0.36 8.59 15.09
C GLU A 78 0.76 7.63 14.69
N THR A 79 0.39 6.38 14.47
CA THR A 79 1.36 5.36 14.12
C THR A 79 1.49 5.23 12.61
N ASP A 80 2.69 5.48 12.09
CA ASP A 80 2.89 5.34 10.65
C ASP A 80 3.15 3.88 10.31
N TRP A 81 3.29 3.57 9.02
CA TRP A 81 3.49 2.20 8.57
C TRP A 81 4.69 1.50 9.22
N PRO A 82 5.89 2.10 9.13
CA PRO A 82 7.08 1.48 9.73
C PRO A 82 6.93 1.15 11.21
N ALA A 83 6.44 2.09 12.00
CA ALA A 83 6.27 1.84 13.42
C ALA A 83 5.22 0.74 13.60
N TYR A 84 4.18 0.80 12.77
CA TYR A 84 3.09 -0.15 12.84
C TYR A 84 3.56 -1.61 12.66
N ILE A 85 4.27 -1.88 11.57
CA ILE A 85 4.72 -3.23 11.32
C ILE A 85 5.81 -3.68 12.30
N GLU A 86 6.59 -2.72 12.80
CA GLU A 86 7.62 -3.05 13.77
C GLU A 86 6.88 -3.43 15.04
N GLY A 87 5.93 -2.58 15.42
CA GLY A 87 5.13 -2.83 16.60
C GLY A 87 4.39 -4.15 16.48
N TRP A 88 4.00 -4.52 15.26
CA TRP A 88 3.28 -5.78 15.08
C TRP A 88 4.16 -7.01 15.37
N LYS A 89 5.46 -6.88 15.14
CA LYS A 89 6.36 -7.98 15.42
C LYS A 89 6.28 -8.27 16.92
N LYS A 90 6.29 -7.21 17.73
CA LYS A 90 6.21 -7.37 19.18
C LYS A 90 4.87 -7.95 19.61
N LEU A 91 3.79 -7.49 19.00
CA LEU A 91 2.48 -8.00 19.35
C LEU A 91 2.45 -9.49 19.09
N ALA A 92 2.90 -9.87 17.90
CA ALA A 92 2.91 -11.27 17.50
C ALA A 92 3.72 -12.16 18.45
N THR A 93 4.92 -11.72 18.84
CA THR A 93 5.71 -12.57 19.73
C THR A 93 5.10 -12.60 21.14
N ASP A 94 4.57 -11.48 21.61
CA ASP A 94 3.95 -11.45 22.94
C ASP A 94 2.77 -12.42 22.92
N GLU A 95 2.00 -12.38 21.83
CA GLU A 95 0.86 -13.26 21.71
C GLU A 95 1.35 -14.71 21.76
N LEU A 96 2.45 -14.98 21.06
CA LEU A 96 2.98 -16.33 21.05
C LEU A 96 3.41 -16.75 22.44
N GLU A 97 4.00 -15.84 23.19
CA GLU A 97 4.43 -16.14 24.54
C GLU A 97 3.25 -16.51 25.45
N LYS A 98 2.15 -15.75 25.34
CA LYS A 98 0.96 -16.03 26.13
C LYS A 98 0.46 -17.42 25.75
N TYR A 99 0.45 -17.68 24.46
CA TYR A 99 0.01 -18.95 23.93
C TYR A 99 0.74 -20.11 24.63
N ALA A 100 2.06 -19.98 24.71
CA ALA A 100 2.93 -20.97 25.33
C ALA A 100 2.56 -21.27 26.79
N LYS A 101 2.11 -20.26 27.52
CA LYS A 101 1.72 -20.42 28.91
C LYS A 101 0.23 -20.69 29.06
N ASN A 102 -0.42 -21.03 27.95
CA ASN A 102 -1.86 -21.26 27.96
C ASN A 102 -2.53 -20.06 28.64
N GLU A 103 -1.97 -18.88 28.37
CA GLU A 103 -2.49 -17.64 28.90
C GLU A 103 -3.41 -17.09 27.81
N PRO A 104 -4.57 -16.50 28.18
CA PRO A 104 -5.46 -15.98 27.13
C PRO A 104 -4.76 -14.92 26.26
N THR A 105 -4.68 -15.17 24.94
CA THR A 105 -4.06 -14.20 24.04
C THR A 105 -4.99 -13.01 23.87
N LEU A 106 -4.44 -11.88 23.44
CA LEU A 106 -5.23 -10.67 23.22
C LEU A 106 -6.28 -10.91 22.15
N ILE A 107 -5.93 -11.68 21.12
CA ILE A 107 -6.86 -11.98 20.05
C ILE A 107 -7.99 -12.89 20.57
N ARG A 108 -7.65 -13.74 21.53
CA ARG A 108 -8.61 -14.65 22.16
C ARG A 108 -9.65 -13.82 22.93
N ILE A 109 -9.16 -12.87 23.71
CA ILE A 109 -10.00 -12.00 24.51
C ILE A 109 -10.96 -11.22 23.61
N TRP A 110 -10.46 -10.76 22.46
CA TRP A 110 -11.26 -10.01 21.51
C TRP A 110 -12.39 -10.89 20.99
N GLY A 111 -12.02 -12.07 20.49
CA GLY A 111 -13.01 -13.01 19.96
C GLY A 111 -14.15 -13.25 20.92
N ASP A 112 -13.81 -13.57 22.17
CA ASP A 112 -14.82 -13.81 23.20
C ASP A 112 -15.76 -12.60 23.30
N ALA A 113 -15.18 -11.42 23.38
CA ALA A 113 -15.98 -10.21 23.46
C ALA A 113 -16.90 -10.06 22.25
N LEU A 114 -16.33 -10.19 21.05
CA LEU A 114 -17.08 -10.03 19.82
C LEU A 114 -18.16 -11.09 19.60
N PHE A 115 -17.84 -12.36 19.85
CA PHE A 115 -18.82 -13.44 19.65
C PHE A 115 -20.01 -13.35 20.59
N ASP A 116 -19.80 -12.77 21.76
CA ASP A 116 -20.89 -12.63 22.72
C ASP A 116 -21.89 -11.63 22.15
N ILE A 117 -21.38 -10.76 21.27
CA ILE A 117 -22.21 -9.74 20.65
C ILE A 117 -22.84 -10.23 19.34
N VAL A 118 -22.05 -10.95 18.55
CA VAL A 118 -22.52 -11.45 17.26
C VAL A 118 -23.37 -12.72 17.35
N ASP A 119 -23.05 -13.60 18.29
CA ASP A 119 -23.82 -14.84 18.48
C ASP A 119 -25.14 -14.55 19.18
N LYS A 120 -26.24 -14.69 18.46
CA LYS A 120 -27.56 -14.43 19.01
C LYS A 120 -27.81 -15.17 20.32
N ASP A 121 -27.29 -16.39 20.42
CA ASP A 121 -27.47 -17.22 21.62
C ASP A 121 -26.45 -16.91 22.71
N GLN A 122 -25.43 -16.11 22.38
CA GLN A 122 -24.38 -15.76 23.32
C GLN A 122 -23.75 -17.04 23.85
N ASN A 123 -23.27 -17.87 22.92
CA ASN A 123 -22.65 -19.17 23.23
C ASN A 123 -21.24 -19.37 22.67
N GLY A 124 -20.70 -18.38 21.95
CA GLY A 124 -19.36 -18.55 21.41
C GLY A 124 -19.30 -19.23 20.06
N ALA A 125 -20.44 -19.27 19.37
CA ALA A 125 -20.51 -19.87 18.06
C ALA A 125 -21.45 -19.00 17.22
N ILE A 126 -21.06 -18.71 15.98
CA ILE A 126 -21.87 -17.89 15.09
C ILE A 126 -22.16 -18.59 13.77
N THR A 127 -23.27 -18.18 13.16
CA THR A 127 -23.68 -18.76 11.89
C THR A 127 -23.01 -18.00 10.73
N LEU A 128 -23.08 -18.58 9.54
CA LEU A 128 -22.49 -17.96 8.36
C LEU A 128 -23.06 -16.56 8.18
N ASP A 129 -24.36 -16.42 8.39
CA ASP A 129 -25.02 -15.13 8.25
C ASP A 129 -24.51 -14.13 9.29
N GLU A 130 -24.24 -14.60 10.50
CA GLU A 130 -23.76 -13.71 11.53
C GLU A 130 -22.33 -13.29 11.19
N TRP A 131 -21.54 -14.22 10.67
CA TRP A 131 -20.15 -13.94 10.28
C TRP A 131 -20.16 -12.88 9.19
N LYS A 132 -21.08 -13.02 8.25
CA LYS A 132 -21.23 -12.07 7.13
C LYS A 132 -21.61 -10.70 7.67
N ALA A 133 -22.55 -10.70 8.61
CA ALA A 133 -23.03 -9.46 9.21
C ALA A 133 -21.86 -8.71 9.84
N TYR A 134 -21.03 -9.40 10.59
CA TYR A 134 -19.88 -8.75 11.22
C TYR A 134 -18.82 -8.32 10.23
N THR A 135 -18.32 -9.28 9.43
CA THR A 135 -17.27 -8.99 8.47
C THR A 135 -17.66 -7.87 7.51
N LYS A 136 -18.85 -7.93 6.92
CA LYS A 136 -19.28 -6.87 6.02
C LYS A 136 -19.50 -5.52 6.71
N ALA A 137 -19.86 -5.54 8.00
CA ALA A 137 -20.05 -4.29 8.74
C ALA A 137 -18.68 -3.62 8.97
N ALA A 138 -17.71 -4.43 9.41
CA ALA A 138 -16.36 -3.95 9.66
C ALA A 138 -15.66 -3.61 8.34
N GLY A 139 -16.05 -4.31 7.28
CA GLY A 139 -15.47 -4.08 5.97
C GLY A 139 -14.32 -5.01 5.63
N ILE A 140 -13.89 -5.83 6.58
CA ILE A 140 -12.76 -6.74 6.34
C ILE A 140 -13.05 -7.72 5.21
N ILE A 141 -14.32 -8.00 4.98
CA ILE A 141 -14.75 -8.86 3.88
C ILE A 141 -15.92 -8.14 3.23
N GLN A 142 -15.98 -8.17 1.90
CA GLN A 142 -17.05 -7.51 1.17
C GLN A 142 -18.07 -8.47 0.58
N SER A 143 -17.63 -9.65 0.13
CA SER A 143 -18.53 -10.61 -0.50
C SER A 143 -18.89 -11.90 0.25
N SER A 144 -20.11 -12.37 0.05
CA SER A 144 -20.60 -13.59 0.70
C SER A 144 -19.69 -14.75 0.37
N GLU A 145 -19.08 -14.66 -0.80
CA GLU A 145 -18.18 -15.69 -1.32
C GLU A 145 -16.96 -15.86 -0.42
N ASP A 146 -16.37 -14.75 0.02
CA ASP A 146 -15.19 -14.83 0.88
C ASP A 146 -15.52 -15.28 2.30
N CYS A 147 -16.74 -15.00 2.74
CA CYS A 147 -17.19 -15.39 4.07
C CYS A 147 -17.39 -16.90 4.15
N GLU A 148 -17.87 -17.49 3.07
CA GLU A 148 -18.08 -18.94 3.02
C GLU A 148 -16.72 -19.62 3.12
N GLU A 149 -15.75 -19.08 2.40
CA GLU A 149 -14.38 -19.61 2.44
C GLU A 149 -13.93 -19.77 3.88
N THR A 150 -14.27 -18.80 4.73
CA THR A 150 -13.89 -18.85 6.14
C THR A 150 -14.37 -20.17 6.74
N PHE A 151 -15.63 -20.50 6.53
CA PHE A 151 -16.21 -21.74 7.05
C PHE A 151 -15.58 -22.97 6.41
N ARG A 152 -15.34 -22.90 5.11
CA ARG A 152 -14.72 -24.00 4.36
C ARG A 152 -13.36 -24.31 5.00
N VAL A 153 -12.62 -23.24 5.35
CA VAL A 153 -11.31 -23.37 5.97
C VAL A 153 -11.37 -23.83 7.44
N CYS A 154 -12.38 -23.36 8.17
CA CYS A 154 -12.52 -23.76 9.57
C CYS A 154 -13.14 -25.15 9.71
N ASP A 155 -13.68 -25.64 8.59
CA ASP A 155 -14.28 -26.98 8.54
C ASP A 155 -15.65 -26.99 9.24
N ILE A 156 -16.48 -26.04 8.82
CA ILE A 156 -17.84 -25.92 9.34
C ILE A 156 -18.67 -25.63 8.08
N ASP A 157 -19.77 -26.36 7.86
CA ASP A 157 -20.57 -26.09 6.67
C ASP A 157 -21.55 -24.94 6.88
N GLU A 158 -22.05 -24.41 5.77
CA GLU A 158 -22.97 -23.27 5.77
C GLU A 158 -24.05 -23.29 6.83
N SER A 159 -24.41 -24.48 7.33
CA SER A 159 -25.44 -24.57 8.37
C SER A 159 -24.92 -24.68 9.80
N GLY A 160 -23.66 -25.11 9.96
CA GLY A 160 -23.09 -25.23 11.29
C GLY A 160 -22.65 -23.87 11.83
N GLN A 161 -21.89 -23.86 12.92
CA GLN A 161 -21.44 -22.60 13.48
C GLN A 161 -19.93 -22.53 13.71
N LEU A 162 -19.40 -21.31 13.59
CA LEU A 162 -17.98 -21.06 13.79
C LEU A 162 -17.79 -20.81 15.27
N ASP A 163 -16.98 -21.65 15.89
CA ASP A 163 -16.71 -21.54 17.31
C ASP A 163 -15.47 -20.69 17.55
N VAL A 164 -15.49 -19.90 18.63
CA VAL A 164 -14.38 -19.01 19.02
C VAL A 164 -13.05 -19.74 19.20
N ASP A 165 -13.10 -20.92 19.80
CA ASP A 165 -11.90 -21.70 20.03
C ASP A 165 -11.25 -22.03 18.68
N GLU A 166 -12.08 -22.44 17.74
CA GLU A 166 -11.59 -22.81 16.41
C GLU A 166 -11.05 -21.60 15.67
N MET A 167 -11.81 -20.50 15.68
CA MET A 167 -11.39 -19.29 14.99
C MET A 167 -10.10 -18.75 15.60
N THR A 168 -9.97 -18.83 16.93
CA THR A 168 -8.77 -18.35 17.59
C THR A 168 -7.59 -19.09 17.01
N ARG A 169 -7.68 -20.42 16.97
CA ARG A 169 -6.60 -21.22 16.41
C ARG A 169 -6.24 -20.70 15.02
N GLN A 170 -7.26 -20.47 14.20
CA GLN A 170 -7.07 -19.98 12.85
C GLN A 170 -6.31 -18.66 12.83
N HIS A 171 -6.71 -17.73 13.70
CA HIS A 171 -6.06 -16.42 13.78
C HIS A 171 -4.59 -16.48 14.20
N LEU A 172 -4.26 -17.43 15.08
CA LEU A 172 -2.88 -17.56 15.50
C LEU A 172 -1.99 -17.84 14.28
N GLY A 173 -2.47 -18.73 13.42
CA GLY A 173 -1.71 -19.07 12.24
C GLY A 173 -1.85 -18.05 11.11
N PHE A 174 -3.01 -17.43 10.99
CA PHE A 174 -3.23 -16.46 9.94
C PHE A 174 -2.49 -15.16 10.19
N TRP A 175 -2.72 -14.57 11.35
CA TRP A 175 -2.08 -13.30 11.69
C TRP A 175 -0.67 -13.35 12.29
N TYR A 176 -0.34 -14.43 12.99
CA TYR A 176 0.96 -14.53 13.66
C TYR A 176 2.06 -15.41 13.09
N THR A 177 1.71 -16.64 12.69
CA THR A 177 2.74 -17.56 12.21
C THR A 177 2.79 -17.87 10.71
N MET A 178 1.77 -17.44 9.96
CA MET A 178 1.71 -17.70 8.52
C MET A 178 1.56 -19.20 8.27
N ASP A 179 0.76 -19.86 9.08
CA ASP A 179 0.54 -21.28 8.93
C ASP A 179 -0.15 -21.54 7.59
N PRO A 180 0.50 -22.31 6.71
CA PRO A 180 -0.03 -22.64 5.39
C PRO A 180 -1.47 -23.18 5.41
N ALA A 181 -1.82 -23.85 6.50
CA ALA A 181 -3.16 -24.42 6.63
C ALA A 181 -4.25 -23.37 6.85
N CYS A 182 -3.84 -22.13 7.13
CA CYS A 182 -4.81 -21.06 7.38
C CYS A 182 -5.03 -20.14 6.20
N GLU A 183 -4.39 -20.43 5.07
CA GLU A 183 -4.54 -19.58 3.91
C GLU A 183 -5.99 -19.47 3.47
N LYS A 184 -6.38 -18.24 3.09
CA LYS A 184 -7.73 -17.96 2.65
C LYS A 184 -8.77 -17.93 3.79
N LEU A 185 -8.31 -17.72 5.01
CA LEU A 185 -9.22 -17.66 6.16
C LEU A 185 -10.30 -16.61 5.85
N TYR A 186 -9.92 -15.57 5.11
CA TYR A 186 -10.86 -14.52 4.72
C TYR A 186 -11.03 -14.52 3.20
N GLY A 187 -11.04 -15.70 2.60
CA GLY A 187 -11.20 -15.78 1.16
C GLY A 187 -10.14 -14.95 0.45
N GLY A 188 -10.57 -14.17 -0.53
CA GLY A 188 -9.63 -13.33 -1.25
C GLY A 188 -9.58 -11.91 -0.73
N ALA A 189 -10.31 -11.64 0.35
CA ALA A 189 -10.35 -10.31 0.93
C ALA A 189 -9.02 -9.93 1.59
N VAL A 190 -8.31 -10.92 2.13
CA VAL A 190 -7.04 -10.63 2.80
C VAL A 190 -5.90 -11.51 2.28
N PRO A 191 -4.83 -10.87 1.79
CA PRO A 191 -3.64 -11.56 1.25
C PRO A 191 -2.96 -12.44 2.29
N LEU B 5 -9.83 7.58 -17.47
CA LEU B 5 -8.92 8.57 -16.82
C LEU B 5 -9.19 9.98 -17.37
N THR B 6 -8.92 10.99 -16.55
CA THR B 6 -9.16 12.39 -16.93
C THR B 6 -8.19 13.36 -16.28
N SER B 7 -7.83 14.42 -17.01
CA SER B 7 -6.90 15.44 -16.53
C SER B 7 -7.52 16.45 -15.56
N ASP B 8 -6.70 16.96 -14.64
CA ASP B 8 -7.12 17.93 -13.64
C ASP B 8 -6.18 19.14 -13.70
N PHE B 9 -5.96 19.66 -14.90
CA PHE B 9 -5.06 20.77 -15.15
C PHE B 9 -5.26 22.05 -14.36
N ASP B 10 -6.50 22.32 -13.95
CA ASP B 10 -6.77 23.52 -13.18
C ASP B 10 -6.54 23.31 -11.70
N ASN B 11 -6.34 22.06 -11.30
CA ASN B 11 -6.10 21.73 -9.90
C ASN B 11 -4.72 22.27 -9.50
N PRO B 12 -4.69 23.21 -8.54
CA PRO B 12 -3.42 23.79 -8.10
C PRO B 12 -2.40 22.77 -7.58
N ARG B 13 -2.89 21.64 -7.06
CA ARG B 13 -1.96 20.62 -6.56
C ARG B 13 -1.26 19.93 -7.74
N TRP B 14 -1.95 19.82 -8.88
CA TRP B 14 -1.33 19.21 -10.04
C TRP B 14 -0.18 20.09 -10.50
N ILE B 15 -0.42 21.40 -10.46
CA ILE B 15 0.57 22.38 -10.88
C ILE B 15 1.76 22.43 -9.92
N GLY B 16 1.48 22.58 -8.63
CA GLY B 16 2.56 22.62 -7.65
C GLY B 16 3.43 21.37 -7.72
N ARG B 17 2.81 20.23 -7.95
CA ARG B 17 3.53 18.97 -8.05
C ARG B 17 4.58 19.05 -9.15
N HIS B 18 4.19 19.54 -10.32
CA HIS B 18 5.14 19.65 -11.41
C HIS B 18 6.10 20.82 -11.26
N LYS B 19 5.68 21.84 -10.51
CA LYS B 19 6.56 22.99 -10.27
C LYS B 19 7.70 22.46 -9.39
N HIS B 20 7.34 21.60 -8.43
CA HIS B 20 8.32 21.02 -7.53
C HIS B 20 9.36 20.24 -8.35
N MET B 21 8.87 19.47 -9.32
CA MET B 21 9.77 18.67 -10.15
C MET B 21 10.63 19.56 -11.03
N PHE B 22 10.03 20.64 -11.56
CA PHE B 22 10.77 21.57 -12.40
C PHE B 22 11.95 22.14 -11.61
N ASN B 23 11.68 22.58 -10.38
CA ASN B 23 12.73 23.15 -9.55
C ASN B 23 13.78 22.11 -9.22
N PHE B 24 13.34 20.87 -9.05
CA PHE B 24 14.22 19.75 -8.75
C PHE B 24 15.11 19.52 -9.98
N LEU B 25 14.56 19.72 -11.16
CA LEU B 25 15.35 19.51 -12.37
C LEU B 25 16.25 20.71 -12.67
N ASP B 26 15.85 21.88 -12.21
CA ASP B 26 16.62 23.09 -12.41
C ASP B 26 17.70 23.16 -11.32
N VAL B 27 18.69 22.28 -11.41
CA VAL B 27 19.74 22.20 -10.41
C VAL B 27 20.59 23.45 -10.25
N ASN B 28 20.82 24.18 -11.35
CA ASN B 28 21.62 25.38 -11.27
C ASN B 28 20.76 26.63 -11.05
N HIS B 29 19.47 26.40 -10.81
CA HIS B 29 18.49 27.46 -10.57
C HIS B 29 18.55 28.51 -11.64
N ASN B 30 18.43 28.09 -12.90
CA ASN B 30 18.45 29.00 -14.03
C ASN B 30 17.04 29.43 -14.44
N GLY B 31 16.03 28.81 -13.84
CA GLY B 31 14.66 29.14 -14.19
C GLY B 31 14.37 28.61 -15.57
N LYS B 32 15.27 27.74 -16.05
CA LYS B 32 15.14 27.14 -17.37
C LYS B 32 15.88 25.81 -17.42
N ILE B 33 15.33 24.88 -18.18
CA ILE B 33 15.93 23.55 -18.36
C ILE B 33 15.82 23.17 -19.82
N SER B 34 16.74 22.36 -20.31
CA SER B 34 16.73 21.95 -21.70
C SER B 34 16.65 20.45 -21.84
N LEU B 35 16.35 19.99 -23.06
CA LEU B 35 16.25 18.57 -23.32
C LEU B 35 17.62 17.95 -23.12
N ASP B 36 18.65 18.69 -23.54
CA ASP B 36 20.04 18.24 -23.42
C ASP B 36 20.33 17.79 -21.98
N GLU B 37 19.91 18.60 -21.01
CA GLU B 37 20.15 18.29 -19.62
C GLU B 37 19.35 17.07 -19.17
N MET B 38 18.09 17.02 -19.54
CA MET B 38 17.22 15.91 -19.18
C MET B 38 17.78 14.55 -19.61
N VAL B 39 18.17 14.45 -20.86
CA VAL B 39 18.70 13.21 -21.38
C VAL B 39 20.10 12.95 -20.83
N TYR B 40 20.79 14.00 -20.42
CA TYR B 40 22.12 13.83 -19.84
C TYR B 40 21.93 13.19 -18.46
N LYS B 41 21.04 13.78 -17.66
CA LYS B 41 20.77 13.29 -16.31
C LYS B 41 20.37 11.81 -16.35
N ALA B 42 19.45 11.47 -17.25
CA ALA B 42 18.96 10.11 -17.42
C ALA B 42 20.09 9.11 -17.70
N SER B 43 20.88 9.37 -18.73
CA SER B 43 21.98 8.48 -19.08
C SER B 43 23.09 8.44 -18.03
N ASP B 44 23.34 9.56 -17.37
CA ASP B 44 24.37 9.62 -16.34
C ASP B 44 24.00 8.60 -15.26
N ILE B 45 22.76 8.69 -14.80
CA ILE B 45 22.24 7.79 -13.78
C ILE B 45 22.34 6.32 -14.15
N VAL B 46 21.71 5.90 -15.24
CA VAL B 46 21.73 4.49 -15.59
C VAL B 46 23.10 3.92 -15.96
N ILE B 47 23.96 4.73 -16.56
CA ILE B 47 25.29 4.27 -16.94
C ILE B 47 26.32 4.30 -15.82
N ASN B 48 26.47 5.47 -15.19
CA ASN B 48 27.45 5.64 -14.13
C ASN B 48 26.98 5.21 -12.74
N ASN B 49 25.68 4.98 -12.56
CA ASN B 49 25.17 4.58 -11.25
C ASN B 49 24.50 3.21 -11.20
N LEU B 50 23.78 2.82 -12.24
CA LEU B 50 23.08 1.54 -12.22
C LEU B 50 23.62 0.47 -13.18
N GLY B 51 24.82 0.71 -13.71
CA GLY B 51 25.46 -0.24 -14.61
C GLY B 51 24.72 -0.73 -15.84
N ALA B 52 24.01 0.17 -16.51
CA ALA B 52 23.28 -0.19 -17.71
C ALA B 52 24.27 -0.50 -18.82
N THR B 53 23.86 -1.35 -19.76
CA THR B 53 24.70 -1.70 -20.91
C THR B 53 24.40 -0.65 -21.98
N PRO B 54 25.28 -0.53 -22.99
CA PRO B 54 25.03 0.46 -24.03
C PRO B 54 23.62 0.34 -24.63
N GLU B 55 23.18 -0.89 -24.89
CA GLU B 55 21.84 -1.10 -25.45
C GLU B 55 20.74 -0.70 -24.47
N GLN B 56 20.90 -1.04 -23.19
CA GLN B 56 19.92 -0.66 -22.19
C GLN B 56 19.89 0.85 -22.06
N ALA B 57 21.06 1.46 -22.18
CA ALA B 57 21.21 2.91 -22.06
C ALA B 57 20.51 3.63 -23.22
N LYS B 58 20.67 3.08 -24.42
CA LYS B 58 20.07 3.64 -25.63
C LYS B 58 18.55 3.63 -25.51
N ARG B 59 18.00 2.47 -25.15
CA ARG B 59 16.56 2.32 -25.00
C ARG B 59 16.02 3.32 -23.95
N HIS B 60 16.74 3.44 -22.84
CA HIS B 60 16.33 4.36 -21.78
C HIS B 60 16.39 5.81 -22.24
N LYS B 61 17.47 6.14 -22.94
CA LYS B 61 17.68 7.48 -23.46
C LYS B 61 16.56 7.87 -24.43
N ASP B 62 16.23 6.98 -25.36
CA ASP B 62 15.17 7.29 -26.30
C ASP B 62 13.86 7.54 -25.57
N ALA B 63 13.62 6.78 -24.51
CA ALA B 63 12.41 6.91 -23.72
C ALA B 63 12.32 8.28 -23.04
N VAL B 64 13.40 8.69 -22.37
CA VAL B 64 13.41 9.98 -21.69
C VAL B 64 13.32 11.12 -22.71
N GLU B 65 14.04 10.98 -23.82
CA GLU B 65 14.04 11.96 -24.89
C GLU B 65 12.58 12.18 -25.31
N ALA B 66 11.92 11.10 -25.69
CA ALA B 66 10.53 11.14 -26.11
C ALA B 66 9.63 11.74 -25.03
N PHE B 67 9.84 11.32 -23.79
CA PHE B 67 9.03 11.81 -22.67
C PHE B 67 9.03 13.33 -22.57
N PHE B 68 10.19 13.93 -22.35
CA PHE B 68 10.25 15.38 -22.23
C PHE B 68 10.01 16.11 -23.54
N GLY B 69 10.19 15.40 -24.64
CA GLY B 69 9.94 15.99 -25.95
C GLY B 69 8.43 16.14 -26.08
N GLY B 70 7.70 15.23 -25.47
CA GLY B 70 6.25 15.27 -25.50
C GLY B 70 5.75 16.49 -24.73
N ALA B 71 6.58 16.99 -23.81
CA ALA B 71 6.23 18.16 -23.02
C ALA B 71 6.69 19.41 -23.75
N GLY B 72 7.11 19.25 -25.00
CA GLY B 72 7.55 20.37 -25.79
C GLY B 72 9.01 20.72 -25.71
N MET B 73 9.76 20.03 -24.86
CA MET B 73 11.18 20.31 -24.73
C MET B 73 11.97 19.87 -25.96
N LYS B 74 13.02 20.62 -26.29
CA LYS B 74 13.84 20.29 -27.44
C LYS B 74 15.32 20.52 -27.17
N TYR B 75 16.16 19.82 -27.91
CA TYR B 75 17.60 19.98 -27.80
C TYR B 75 17.97 21.40 -28.20
N GLY B 76 18.90 22.01 -27.46
CA GLY B 76 19.33 23.36 -27.75
C GLY B 76 18.37 24.46 -27.32
N VAL B 77 17.15 24.08 -26.93
CA VAL B 77 16.16 25.07 -26.51
C VAL B 77 16.00 25.04 -25.00
N GLU B 78 15.85 26.21 -24.39
CA GLU B 78 15.66 26.27 -22.93
C GLU B 78 14.20 26.53 -22.63
N THR B 79 13.68 25.73 -21.71
CA THR B 79 12.28 25.81 -21.34
C THR B 79 12.09 26.45 -19.97
N ASP B 80 11.39 27.57 -19.92
CA ASP B 80 11.14 28.23 -18.64
C ASP B 80 9.86 27.63 -18.04
N TRP B 81 9.63 27.88 -16.76
CA TRP B 81 8.45 27.34 -16.10
C TRP B 81 7.15 27.43 -16.90
N PRO B 82 6.76 28.64 -17.34
CA PRO B 82 5.53 28.85 -18.12
C PRO B 82 5.45 27.92 -19.32
N ALA B 83 6.53 27.88 -20.09
CA ALA B 83 6.58 27.03 -21.26
C ALA B 83 6.55 25.56 -20.86
N TYR B 84 7.01 25.29 -19.64
CA TYR B 84 7.08 23.92 -19.11
C TYR B 84 5.72 23.35 -18.70
N ILE B 85 5.04 24.06 -17.81
CA ILE B 85 3.74 23.60 -17.33
C ILE B 85 2.77 23.53 -18.52
N GLU B 86 2.84 24.52 -19.40
CA GLU B 86 1.98 24.53 -20.56
C GLU B 86 2.25 23.26 -21.36
N GLY B 87 3.52 23.02 -21.66
CA GLY B 87 3.88 21.84 -22.41
C GLY B 87 3.37 20.57 -21.75
N TRP B 88 3.44 20.54 -20.41
CA TRP B 88 2.99 19.36 -19.68
C TRP B 88 1.51 19.08 -19.88
N LYS B 89 0.73 20.13 -20.18
CA LYS B 89 -0.70 19.99 -20.43
C LYS B 89 -0.83 19.06 -21.64
N LYS B 90 -0.09 19.39 -22.70
CA LYS B 90 -0.10 18.60 -23.92
C LYS B 90 0.38 17.16 -23.65
N LEU B 91 1.49 17.02 -22.94
CA LEU B 91 2.04 15.69 -22.62
C LEU B 91 0.96 14.84 -21.97
N ALA B 92 0.33 15.39 -20.93
CA ALA B 92 -0.71 14.67 -20.21
C ALA B 92 -1.85 14.22 -21.12
N THR B 93 -2.49 15.16 -21.81
CA THR B 93 -3.59 14.82 -22.69
C THR B 93 -3.16 13.78 -23.72
N ASP B 94 -2.07 14.05 -24.44
CA ASP B 94 -1.59 13.10 -25.44
C ASP B 94 -1.36 11.72 -24.84
N GLU B 95 -0.98 11.71 -23.56
CA GLU B 95 -0.69 10.46 -22.88
C GLU B 95 -1.98 9.69 -22.54
N LEU B 96 -2.99 10.41 -22.07
CA LEU B 96 -4.25 9.77 -21.71
C LEU B 96 -4.97 9.30 -22.96
N GLU B 97 -4.56 9.83 -24.11
CA GLU B 97 -5.14 9.47 -25.40
C GLU B 97 -4.60 8.08 -25.74
N LYS B 98 -3.28 7.95 -25.67
CA LYS B 98 -2.60 6.69 -25.93
C LYS B 98 -3.18 5.64 -25.00
N TYR B 99 -3.37 6.04 -23.76
CA TYR B 99 -3.92 5.17 -22.72
C TYR B 99 -5.28 4.61 -23.16
N ALA B 100 -6.10 5.47 -23.75
CA ALA B 100 -7.43 5.10 -24.19
C ALA B 100 -7.39 4.10 -25.33
N LYS B 101 -6.29 4.09 -26.08
CA LYS B 101 -6.12 3.17 -27.21
C LYS B 101 -5.30 1.96 -26.78
N ASN B 102 -5.04 1.82 -25.49
CA ASN B 102 -4.20 0.73 -25.00
C ASN B 102 -2.88 0.78 -25.77
N GLU B 103 -2.53 1.99 -26.21
CA GLU B 103 -1.30 2.24 -26.93
C GLU B 103 -0.23 2.52 -25.85
N PRO B 104 0.99 1.96 -26.02
CA PRO B 104 2.02 2.21 -25.00
C PRO B 104 2.28 3.69 -24.77
N THR B 105 2.11 4.14 -23.52
CA THR B 105 2.37 5.53 -23.18
C THR B 105 3.87 5.78 -23.04
N LEU B 106 4.28 7.03 -23.18
CA LEU B 106 5.69 7.37 -23.06
C LEU B 106 6.17 7.05 -21.65
N ILE B 107 5.29 7.21 -20.66
CA ILE B 107 5.67 6.91 -19.28
C ILE B 107 5.87 5.40 -19.14
N ARG B 108 5.05 4.63 -19.85
CA ARG B 108 5.13 3.17 -19.83
C ARG B 108 6.42 2.70 -20.50
N ILE B 109 6.78 3.34 -21.61
CA ILE B 109 8.00 2.97 -22.34
C ILE B 109 9.24 3.27 -21.50
N TRP B 110 9.19 4.37 -20.75
CA TRP B 110 10.31 4.75 -19.90
C TRP B 110 10.47 3.71 -18.79
N GLY B 111 9.36 3.38 -18.13
CA GLY B 111 9.40 2.40 -17.05
C GLY B 111 9.93 1.04 -17.44
N ASP B 112 9.52 0.56 -18.61
CA ASP B 112 9.99 -0.73 -19.10
C ASP B 112 11.51 -0.69 -19.31
N ALA B 113 12.00 0.41 -19.87
CA ALA B 113 13.43 0.55 -20.12
C ALA B 113 14.18 0.65 -18.80
N LEU B 114 13.67 1.46 -17.88
CA LEU B 114 14.32 1.65 -16.60
C LEU B 114 14.34 0.39 -15.74
N PHE B 115 13.21 -0.29 -15.63
CA PHE B 115 13.13 -1.50 -14.82
C PHE B 115 14.03 -2.60 -15.34
N ASP B 116 14.31 -2.60 -16.64
CA ASP B 116 15.18 -3.63 -17.20
C ASP B 116 16.59 -3.45 -16.67
N ILE B 117 16.92 -2.21 -16.33
CA ILE B 117 18.23 -1.86 -15.79
C ILE B 117 18.26 -2.03 -14.28
N VAL B 118 17.25 -1.49 -13.61
CA VAL B 118 17.17 -1.56 -12.16
C VAL B 118 16.94 -2.96 -11.58
N ASP B 119 16.13 -3.77 -12.26
CA ASP B 119 15.84 -5.14 -11.81
C ASP B 119 16.99 -6.08 -12.15
N LYS B 120 17.68 -6.55 -11.12
CA LYS B 120 18.80 -7.46 -11.29
C LYS B 120 18.44 -8.63 -12.19
N ASP B 121 17.15 -9.01 -12.20
CA ASP B 121 16.72 -10.13 -13.03
C ASP B 121 16.20 -9.72 -14.41
N GLN B 122 16.23 -8.42 -14.73
CA GLN B 122 15.74 -7.95 -16.04
C GLN B 122 14.38 -8.62 -16.29
N ASN B 123 13.53 -8.64 -15.27
CA ASN B 123 12.23 -9.28 -15.40
C ASN B 123 11.03 -8.38 -15.07
N GLY B 124 11.23 -7.07 -15.13
CA GLY B 124 10.15 -6.13 -14.87
C GLY B 124 9.64 -5.92 -13.44
N ALA B 125 10.42 -6.28 -12.44
CA ALA B 125 9.98 -6.08 -11.05
C ALA B 125 11.19 -5.77 -10.21
N ILE B 126 11.06 -4.81 -9.31
CA ILE B 126 12.19 -4.40 -8.48
C ILE B 126 11.93 -4.45 -6.97
N THR B 127 12.97 -4.76 -6.20
CA THR B 127 12.86 -4.83 -4.75
C THR B 127 12.89 -3.41 -4.18
N LEU B 128 12.78 -3.29 -2.86
CA LEU B 128 12.82 -1.98 -2.21
C LEU B 128 14.23 -1.42 -2.30
N ASP B 129 15.23 -2.27 -2.08
CA ASP B 129 16.62 -1.81 -2.18
C ASP B 129 16.93 -1.28 -3.57
N GLU B 130 16.33 -1.90 -4.59
CA GLU B 130 16.53 -1.46 -5.97
C GLU B 130 15.82 -0.12 -6.22
N TRP B 131 14.62 0.05 -5.68
CA TRP B 131 13.88 1.30 -5.86
C TRP B 131 14.61 2.41 -5.09
N LYS B 132 15.25 2.05 -3.98
CA LYS B 132 16.01 3.03 -3.20
C LYS B 132 17.24 3.47 -4.00
N ALA B 133 17.89 2.49 -4.62
CA ALA B 133 19.08 2.75 -5.43
C ALA B 133 18.76 3.77 -6.50
N TYR B 134 17.76 3.48 -7.33
CA TYR B 134 17.39 4.40 -8.39
C TYR B 134 16.97 5.81 -7.93
N THR B 135 15.99 5.86 -7.01
CA THR B 135 15.49 7.15 -6.53
C THR B 135 16.54 8.02 -5.89
N LYS B 136 17.37 7.44 -5.05
CA LYS B 136 18.41 8.22 -4.39
C LYS B 136 19.47 8.68 -5.39
N ALA B 137 19.68 7.91 -6.45
CA ALA B 137 20.64 8.28 -7.49
C ALA B 137 20.07 9.46 -8.27
N ALA B 138 18.80 9.37 -8.64
CA ALA B 138 18.14 10.44 -9.39
C ALA B 138 17.95 11.67 -8.48
N GLY B 139 17.71 11.43 -7.20
CA GLY B 139 17.51 12.52 -6.26
C GLY B 139 16.04 12.85 -6.09
N ILE B 140 15.17 12.09 -6.76
CA ILE B 140 13.74 12.33 -6.67
C ILE B 140 13.25 12.00 -5.27
N ILE B 141 13.87 11.01 -4.64
CA ILE B 141 13.54 10.65 -3.26
C ILE B 141 14.86 10.70 -2.52
N GLN B 142 14.84 11.22 -1.31
CA GLN B 142 16.06 11.35 -0.55
C GLN B 142 16.13 10.44 0.68
N SER B 143 14.98 10.12 1.29
CA SER B 143 14.97 9.27 2.48
C SER B 143 14.32 7.90 2.27
N SER B 144 14.83 6.89 2.97
CA SER B 144 14.28 5.54 2.84
C SER B 144 12.82 5.50 3.25
N GLU B 145 12.45 6.38 4.18
CA GLU B 145 11.08 6.44 4.65
C GLU B 145 10.13 6.68 3.48
N ASP B 146 10.49 7.61 2.62
CA ASP B 146 9.65 7.91 1.47
C ASP B 146 9.64 6.76 0.45
N CYS B 147 10.77 6.06 0.32
CA CYS B 147 10.84 4.94 -0.59
C CYS B 147 9.91 3.87 -0.08
N GLU B 148 9.88 3.70 1.23
CA GLU B 148 9.01 2.70 1.82
C GLU B 148 7.53 3.06 1.64
N GLU B 149 7.23 4.34 1.52
CA GLU B 149 5.85 4.76 1.29
C GLU B 149 5.42 4.24 -0.08
N THR B 150 6.34 4.31 -1.05
CA THR B 150 6.04 3.84 -2.40
C THR B 150 5.51 2.41 -2.37
N PHE B 151 6.20 1.54 -1.63
CA PHE B 151 5.80 0.15 -1.53
C PHE B 151 4.54 -0.10 -0.71
N ARG B 152 4.09 0.91 0.04
CA ARG B 152 2.88 0.78 0.85
C ARG B 152 1.73 1.13 -0.08
N VAL B 153 1.90 2.26 -0.77
CA VAL B 153 0.90 2.77 -1.70
C VAL B 153 0.64 1.87 -2.90
N CYS B 154 1.69 1.23 -3.42
CA CYS B 154 1.54 0.34 -4.57
C CYS B 154 1.15 -1.06 -4.14
N ASP B 155 0.52 -1.78 -5.06
CA ASP B 155 0.16 -3.15 -4.82
C ASP B 155 1.40 -3.90 -5.30
N ILE B 156 2.30 -4.28 -4.40
CA ILE B 156 3.48 -4.99 -4.84
C ILE B 156 3.14 -6.47 -4.92
N ASP B 157 3.94 -7.24 -5.66
CA ASP B 157 3.65 -8.65 -5.80
C ASP B 157 3.90 -9.47 -4.54
N GLU B 158 3.69 -10.78 -4.65
CA GLU B 158 3.83 -11.69 -3.54
C GLU B 158 5.25 -11.92 -3.03
N SER B 159 6.24 -11.69 -3.90
CA SER B 159 7.64 -11.88 -3.52
C SER B 159 8.16 -10.59 -2.90
N GLY B 160 7.29 -9.58 -2.85
CA GLY B 160 7.66 -8.31 -2.28
C GLY B 160 8.27 -7.33 -3.25
N GLN B 161 8.02 -7.54 -4.55
CA GLN B 161 8.57 -6.67 -5.58
C GLN B 161 7.53 -5.78 -6.26
N LEU B 162 7.96 -4.60 -6.69
CA LEU B 162 7.08 -3.65 -7.37
C LEU B 162 7.19 -3.87 -8.86
N ASP B 163 6.07 -4.23 -9.47
CA ASP B 163 5.99 -4.52 -10.89
C ASP B 163 5.85 -3.25 -11.74
N VAL B 164 6.34 -3.29 -12.97
CA VAL B 164 6.24 -2.14 -13.85
C VAL B 164 4.79 -1.87 -14.24
N ASP B 165 3.98 -2.91 -14.38
CA ASP B 165 2.59 -2.68 -14.73
C ASP B 165 1.95 -1.87 -13.60
N GLU B 166 2.25 -2.23 -12.36
CA GLU B 166 1.70 -1.53 -11.20
C GLU B 166 2.22 -0.09 -11.10
N MET B 167 3.52 0.10 -11.28
CA MET B 167 4.07 1.45 -11.21
C MET B 167 3.50 2.34 -12.31
N THR B 168 3.27 1.76 -13.49
CA THR B 168 2.71 2.55 -14.59
C THR B 168 1.29 3.01 -14.24
N ARG B 169 0.59 2.18 -13.49
CA ARG B 169 -0.77 2.51 -13.08
C ARG B 169 -0.68 3.70 -12.12
N GLN B 170 0.24 3.61 -11.17
CA GLN B 170 0.41 4.65 -10.19
C GLN B 170 0.86 5.95 -10.84
N HIS B 171 1.79 5.86 -11.78
CA HIS B 171 2.29 7.07 -12.43
C HIS B 171 1.27 7.85 -13.24
N LEU B 172 0.33 7.15 -13.85
CA LEU B 172 -0.69 7.82 -14.64
C LEU B 172 -1.54 8.64 -13.68
N GLY B 173 -1.83 8.06 -12.51
CA GLY B 173 -2.63 8.76 -11.52
C GLY B 173 -1.90 9.86 -10.78
N PHE B 174 -0.62 9.65 -10.47
CA PHE B 174 0.17 10.65 -9.73
C PHE B 174 0.58 11.83 -10.60
N TRP B 175 1.10 11.56 -11.79
CA TRP B 175 1.54 12.64 -12.69
C TRP B 175 0.48 13.24 -13.60
N TYR B 176 -0.46 12.41 -14.07
CA TYR B 176 -1.46 12.90 -15.01
C TYR B 176 -2.87 13.22 -14.52
N THR B 177 -3.40 12.42 -13.60
CA THR B 177 -4.78 12.63 -13.15
C THR B 177 -5.04 13.05 -11.71
N MET B 178 -4.02 13.21 -10.90
CA MET B 178 -4.23 13.60 -9.52
C MET B 178 -5.19 12.63 -8.82
N ASP B 179 -4.98 11.34 -9.09
CA ASP B 179 -5.77 10.27 -8.52
C ASP B 179 -5.51 10.21 -7.02
N PRO B 180 -6.55 10.49 -6.20
CA PRO B 180 -6.42 10.47 -4.73
C PRO B 180 -5.79 9.18 -4.20
N ALA B 181 -5.95 8.09 -4.93
CA ALA B 181 -5.41 6.81 -4.53
C ALA B 181 -3.89 6.75 -4.66
N CYS B 182 -3.33 7.60 -5.52
CA CYS B 182 -1.90 7.62 -5.75
C CYS B 182 -1.09 8.56 -4.84
N GLU B 183 -1.78 9.32 -3.98
CA GLU B 183 -1.10 10.25 -3.07
C GLU B 183 -0.01 9.50 -2.32
N LYS B 184 1.08 10.18 -2.03
CA LYS B 184 2.18 9.56 -1.29
C LYS B 184 2.95 8.49 -2.08
N LEU B 185 2.89 8.53 -3.42
CA LEU B 185 3.62 7.56 -4.24
C LEU B 185 5.10 7.71 -3.92
N TYR B 186 5.51 8.96 -3.67
CA TYR B 186 6.89 9.25 -3.32
C TYR B 186 6.96 9.75 -1.90
N GLY B 187 6.02 9.32 -1.06
CA GLY B 187 6.01 9.75 0.32
C GLY B 187 5.96 11.27 0.41
N GLY B 188 6.84 11.85 1.21
CA GLY B 188 6.85 13.31 1.35
C GLY B 188 7.75 14.02 0.36
N ALA B 189 8.51 13.25 -0.41
CA ALA B 189 9.46 13.78 -1.39
C ALA B 189 8.84 14.65 -2.48
N VAL B 190 7.67 14.26 -2.97
CA VAL B 190 6.98 15.00 -4.01
C VAL B 190 5.56 15.33 -3.59
N PRO B 191 5.21 16.62 -3.55
CA PRO B 191 3.88 17.09 -3.15
C PRO B 191 2.82 16.50 -4.08
#